data_7RCB
#
_entry.id   7RCB
#
_cell.length_a   75.219
_cell.length_b   75.262
_cell.length_c   134.872
_cell.angle_alpha   90.000
_cell.angle_beta   90.000
_cell.angle_gamma   90.000
#
_symmetry.space_group_name_H-M   'P 21 21 21'
#
loop_
_entity.id
_entity.type
_entity.pdbx_description
1 polymer 'Mismatch repair endonuclease PMS2'
2 water water
#
_entity_poly.entity_id   1
_entity_poly.type   'polypeptide(L)'
_entity_poly.pdbx_seq_one_letter_code
;MERAESSSTEPAKAIKPIDRKSVHQICSGQVVLSLSTAVKELVENSLDAGATNIDLKLKDYGVDLIEVSDNGCGVEEENF
EGLTLKHHTSKIQEFADLTQVETFGFRGEALSSLCALSDVTISTCHASAKVGTRLMFDHNGKIIQKTPYPRPRGTTVSVQ
QLFSTLPVRHKEFQRNIKKEYAKMVQVLHAYCIISAGIRVSCTNQLGQGKRQPVVCTGGSPSIKENIGSVFGQKQLQSLI
PFVQLPPSDSVCEEYGLSCSDALHNLFYISGFISQCTHGVGRSSTDRQFFFINRRPCDPAKVCRLVNEVYHMYNRHQYPF
VVLNISVDSECVDISVTPDKRQILLQEEKLLLAVLKTSLIGMFDS
;
_entity_poly.pdbx_strand_id   A,B
#
# COMPACT_ATOMS: atom_id res chain seq x y z
N VAL A 32 23.26 6.56 16.27
CA VAL A 32 23.62 5.75 15.12
C VAL A 32 22.90 6.24 13.86
N LEU A 33 23.63 6.90 12.97
CA LEU A 33 23.06 7.42 11.73
C LEU A 33 23.19 6.36 10.65
N SER A 34 22.07 5.78 10.25
CA SER A 34 22.07 4.80 9.17
C SER A 34 20.75 4.87 8.42
N LEU A 35 20.71 4.20 7.28
CA LEU A 35 19.46 4.06 6.54
C LEU A 35 18.40 3.35 7.38
N SER A 36 18.79 2.26 8.05
CA SER A 36 17.82 1.42 8.75
C SER A 36 17.19 2.16 9.93
N THR A 37 17.99 2.91 10.69
CA THR A 37 17.44 3.62 11.83
C THR A 37 16.59 4.81 11.40
N ALA A 38 16.95 5.47 10.30
CA ALA A 38 16.09 6.53 9.77
C ALA A 38 14.74 5.97 9.34
N VAL A 39 14.76 4.86 8.62
CA VAL A 39 13.51 4.21 8.23
C VAL A 39 12.76 3.70 9.45
N LYS A 40 13.50 3.14 10.41
CA LYS A 40 12.89 2.64 11.63
C LYS A 40 12.10 3.71 12.37
N GLU A 41 12.67 4.91 12.49
CA GLU A 41 12.01 5.96 13.24
C GLU A 41 10.77 6.47 12.52
N LEU A 42 10.82 6.63 11.20
CA LEU A 42 9.64 7.10 10.49
C LEU A 42 8.52 6.07 10.55
N VAL A 43 8.86 4.79 10.46
CA VAL A 43 7.85 3.74 10.60
C VAL A 43 7.25 3.77 12.00
N GLU A 44 8.08 3.92 13.02
CA GLU A 44 7.57 4.00 14.39
C GLU A 44 6.72 5.25 14.59
N ASN A 45 7.08 6.35 13.92
CA ASN A 45 6.24 7.54 13.97
C ASN A 45 4.87 7.26 13.39
N SER A 46 4.81 6.56 12.25
CA SER A 46 3.53 6.22 11.67
C SER A 46 2.74 5.26 12.55
N LEU A 47 3.41 4.28 13.14
CA LEU A 47 2.73 3.36 14.05
C LEU A 47 2.20 4.09 15.27
N ASP A 48 2.95 5.04 15.80
CA ASP A 48 2.50 5.76 16.99
C ASP A 48 1.35 6.70 16.67
N ALA A 49 1.25 7.15 15.42
CA ALA A 49 0.12 7.97 14.97
C ALA A 49 -1.14 7.15 14.73
N GLY A 50 -1.09 5.84 14.93
CA GLY A 50 -2.27 5.02 14.72
C GLY A 50 -2.58 4.71 13.27
N ALA A 51 -1.56 4.58 12.42
CA ALA A 51 -1.81 4.30 11.02
C ALA A 51 -2.26 2.85 10.83
N THR A 52 -3.16 2.64 9.86
CA THR A 52 -3.49 1.30 9.38
C THR A 52 -2.93 1.03 8.00
N ASN A 53 -2.35 2.04 7.34
CA ASN A 53 -1.69 1.90 6.06
C ASN A 53 -0.40 2.70 6.12
N ILE A 54 0.72 2.06 5.81
CA ILE A 54 2.02 2.72 5.78
C ILE A 54 2.72 2.30 4.50
N ASP A 55 3.00 3.26 3.63
CA ASP A 55 3.58 3.00 2.32
C ASP A 55 4.98 3.62 2.25
N LEU A 56 5.98 2.79 1.98
CA LEU A 56 7.37 3.23 1.81
C LEU A 56 7.73 3.26 0.33
N LYS A 57 8.12 4.43 -0.15
CA LYS A 57 8.62 4.60 -1.50
C LYS A 57 10.11 4.95 -1.41
N LEU A 58 10.95 4.10 -1.98
CA LEU A 58 12.39 4.34 -1.99
C LEU A 58 12.88 4.56 -3.42
N LYS A 59 13.88 5.43 -3.56
CA LYS A 59 14.56 5.65 -4.83
C LYS A 59 16.06 5.48 -4.64
N ASP A 60 16.66 4.64 -5.47
CA ASP A 60 18.08 4.27 -5.39
C ASP A 60 18.44 3.79 -3.99
N TYR A 61 17.66 2.80 -3.50
CA TYR A 61 17.87 2.16 -2.21
C TYR A 61 17.76 3.14 -1.05
N GLY A 62 17.20 4.32 -1.29
CA GLY A 62 17.07 5.35 -0.28
C GLY A 62 18.11 6.45 -0.34
N VAL A 63 19.11 6.33 -1.23
CA VAL A 63 20.08 7.40 -1.39
C VAL A 63 19.43 8.65 -1.97
N ASP A 64 18.46 8.47 -2.86
CA ASP A 64 17.78 9.60 -3.47
C ASP A 64 16.53 10.02 -2.71
N LEU A 65 15.71 9.08 -2.28
CA LEU A 65 14.45 9.42 -1.63
C LEU A 65 14.06 8.33 -0.64
N ILE A 66 13.65 8.77 0.55
CA ILE A 66 12.98 7.95 1.55
C ILE A 66 11.66 8.65 1.82
N GLU A 67 10.54 8.04 1.43
CA GLU A 67 9.23 8.65 1.61
C GLU A 67 8.31 7.65 2.29
N VAL A 68 7.77 8.05 3.44
CA VAL A 68 6.85 7.23 4.22
C VAL A 68 5.51 7.93 4.29
N SER A 69 4.47 7.27 3.80
CA SER A 69 3.13 7.81 3.74
C SER A 69 2.21 6.97 4.61
N ASP A 70 1.47 7.62 5.51
CA ASP A 70 0.58 6.88 6.41
C ASP A 70 -0.76 7.60 6.50
N ASN A 71 -1.74 6.88 7.05
CA ASN A 71 -3.08 7.42 7.30
C ASN A 71 -3.38 7.50 8.79
N GLY A 72 -2.36 7.82 9.59
CA GLY A 72 -2.53 8.03 11.01
C GLY A 72 -3.22 9.35 11.31
N CYS A 73 -3.06 9.85 12.54
CA CYS A 73 -3.83 11.01 12.99
C CYS A 73 -3.37 12.32 12.35
N GLY A 74 -2.17 12.37 11.79
CA GLY A 74 -1.64 13.63 11.28
C GLY A 74 -1.23 14.56 12.41
N VAL A 75 -0.82 15.76 12.04
CA VAL A 75 -0.28 16.74 12.97
C VAL A 75 -1.16 17.98 12.95
N GLU A 76 -1.55 18.46 14.14
CA GLU A 76 -2.31 19.69 14.25
C GLU A 76 -1.41 20.88 13.95
N GLU A 77 -2.03 21.98 13.52
CA GLU A 77 -1.26 23.15 13.09
C GLU A 77 -0.48 23.79 14.23
N GLU A 78 -0.97 23.66 15.47
CA GLU A 78 -0.30 24.31 16.59
C GLU A 78 1.09 23.73 16.85
N ASN A 79 1.34 22.50 16.42
CA ASN A 79 2.61 21.84 16.66
C ASN A 79 3.51 21.82 15.43
N PHE A 80 3.19 22.61 14.40
CA PHE A 80 4.04 22.65 13.22
C PHE A 80 5.43 23.17 13.56
N GLU A 81 5.50 24.20 14.41
CA GLU A 81 6.80 24.73 14.80
C GLU A 81 7.60 23.69 15.58
N GLY A 82 6.96 23.03 16.54
CA GLY A 82 7.61 22.09 17.43
C GLY A 82 7.93 20.74 16.83
N LEU A 83 7.70 20.55 15.53
CA LEU A 83 8.04 19.28 14.90
C LEU A 83 9.54 19.02 14.89
N THR A 84 10.34 20.08 14.93
CA THR A 84 11.78 19.95 14.90
C THR A 84 12.42 20.49 16.18
N THR A 103 19.54 5.43 18.56
CA THR A 103 18.64 6.32 17.85
C THR A 103 19.36 7.15 16.80
N PHE A 104 18.62 7.55 15.77
CA PHE A 104 19.17 8.41 14.75
C PHE A 104 19.61 9.74 15.36
N GLY A 105 20.91 9.98 15.33
CA GLY A 105 21.49 11.15 15.99
C GLY A 105 21.33 12.44 15.21
N GLU A 109 15.60 13.90 18.54
CA GLU A 109 14.41 13.33 17.94
C GLU A 109 14.57 13.19 16.42
N ALA A 110 13.66 12.46 15.78
CA ALA A 110 13.92 11.96 14.44
C ALA A 110 13.92 13.07 13.40
N LEU A 111 12.83 13.84 13.33
CA LEU A 111 12.69 14.83 12.26
C LEU A 111 13.75 15.91 12.33
N SER A 112 14.07 16.39 13.53
CA SER A 112 15.08 17.43 13.65
C SER A 112 16.43 16.95 13.14
N SER A 113 16.77 15.70 13.44
CA SER A 113 18.02 15.14 12.95
C SER A 113 17.98 14.97 11.43
N LEU A 114 16.83 14.59 10.89
CA LEU A 114 16.71 14.39 9.46
C LEU A 114 16.81 15.69 8.69
N CYS A 115 16.31 16.80 9.25
CA CYS A 115 16.43 18.09 8.58
C CYS A 115 17.88 18.51 8.45
N ALA A 116 18.67 18.28 9.48
CA ALA A 116 20.09 18.65 9.43
C ALA A 116 20.85 17.84 8.39
N LEU A 117 20.32 16.67 8.01
CA LEU A 117 21.05 15.72 7.17
C LEU A 117 20.45 15.56 5.77
N SER A 118 19.30 16.15 5.49
CA SER A 118 18.61 15.89 4.24
C SER A 118 17.66 17.05 3.96
N ASP A 119 16.93 16.94 2.86
CA ASP A 119 15.87 17.86 2.51
C ASP A 119 14.55 17.19 2.88
N VAL A 120 13.84 17.75 3.85
CA VAL A 120 12.66 17.13 4.43
C VAL A 120 11.43 17.92 3.99
N THR A 121 10.49 17.23 3.34
CA THR A 121 9.19 17.78 3.01
C THR A 121 8.13 16.93 3.69
N ILE A 122 7.13 17.58 4.27
CA ILE A 122 6.07 16.92 4.99
C ILE A 122 4.73 17.52 4.56
N SER A 123 3.80 16.65 4.18
CA SER A 123 2.40 17.03 4.07
C SER A 123 1.63 16.28 5.16
N THR A 124 0.63 16.95 5.74
CA THR A 124 -0.09 16.35 6.84
C THR A 124 -1.50 16.93 6.90
N CYS A 125 -2.41 16.16 7.49
CA CYS A 125 -3.75 16.65 7.76
C CYS A 125 -4.29 15.97 9.01
N HIS A 126 -4.58 16.76 10.03
CA HIS A 126 -5.24 16.31 11.25
C HIS A 126 -6.75 16.31 11.04
N ALA A 127 -7.44 15.38 11.71
CA ALA A 127 -8.89 15.32 11.56
C ALA A 127 -9.56 16.61 12.00
N SER A 128 -8.98 17.30 13.00
CA SER A 128 -9.49 18.58 13.44
C SER A 128 -9.21 19.70 12.46
N ALA A 129 -8.50 19.42 11.37
CA ALA A 129 -8.17 20.44 10.38
C ALA A 129 -9.15 20.38 9.22
N LYS A 130 -9.45 21.56 8.67
CA LYS A 130 -10.30 21.64 7.49
C LYS A 130 -9.55 21.21 6.24
N VAL A 131 -8.31 21.69 6.08
CA VAL A 131 -7.47 21.34 4.94
C VAL A 131 -6.10 20.94 5.48
N GLY A 132 -5.38 20.14 4.70
CA GLY A 132 -4.03 19.77 5.04
C GLY A 132 -3.03 20.88 4.78
N THR A 133 -1.77 20.59 5.10
CA THR A 133 -0.68 21.54 4.94
C THR A 133 0.55 20.81 4.42
N ARG A 134 1.32 21.49 3.57
CA ARG A 134 2.58 20.99 3.06
C ARG A 134 3.71 21.88 3.57
N LEU A 135 4.74 21.27 4.15
CA LEU A 135 5.82 21.99 4.81
C LEU A 135 7.17 21.61 4.22
N MET A 136 8.01 22.62 3.95
CA MET A 136 9.39 22.43 3.54
C MET A 136 10.32 22.98 4.61
N PHE A 137 11.42 22.26 4.89
CA PHE A 137 12.30 22.60 5.99
C PHE A 137 13.72 22.82 5.49
N ASP A 138 14.41 23.78 6.12
CA ASP A 138 15.84 23.95 5.90
C ASP A 138 16.60 23.04 6.87
N HIS A 139 17.94 23.08 6.80
CA HIS A 139 18.72 22.13 7.56
C HIS A 139 18.80 22.44 9.05
N ASN A 140 18.29 23.60 9.48
CA ASN A 140 18.12 23.88 10.89
C ASN A 140 16.72 23.53 11.39
N GLY A 141 15.90 22.88 10.56
CA GLY A 141 14.55 22.56 10.94
C GLY A 141 13.57 23.71 10.85
N LYS A 142 13.97 24.82 10.22
CA LYS A 142 13.08 25.96 10.09
C LYS A 142 12.17 25.79 8.88
N ILE A 143 10.91 26.15 9.06
CA ILE A 143 9.92 26.02 7.99
C ILE A 143 10.22 27.03 6.89
N ILE A 144 10.48 26.53 5.68
CA ILE A 144 10.69 27.39 4.52
C ILE A 144 9.37 27.84 3.92
N GLN A 145 8.42 26.90 3.78
CA GLN A 145 7.13 27.14 3.16
C GLN A 145 6.06 26.39 3.95
N LYS A 146 4.91 27.05 4.15
CA LYS A 146 3.76 26.42 4.78
C LYS A 146 2.55 26.81 3.97
N THR A 147 2.01 25.86 3.20
CA THR A 147 0.90 26.19 2.32
C THR A 147 -0.22 25.18 2.49
N PRO A 148 -1.47 25.60 2.31
CA PRO A 148 -2.59 24.66 2.37
C PRO A 148 -2.45 23.60 1.29
N TYR A 149 -2.85 22.38 1.63
CA TYR A 149 -2.61 21.23 0.78
C TYR A 149 -3.72 20.22 1.04
N PRO A 150 -4.73 20.16 0.17
CA PRO A 150 -5.83 19.22 0.39
C PRO A 150 -5.34 17.78 0.23
N ARG A 151 -5.49 17.00 1.29
CA ARG A 151 -5.02 15.63 1.33
C ARG A 151 -5.79 14.90 2.41
N PRO A 152 -5.87 13.57 2.35
CA PRO A 152 -6.56 12.83 3.42
C PRO A 152 -5.78 12.90 4.73
N ARG A 153 -6.50 12.55 5.80
CA ARG A 153 -5.90 12.54 7.14
C ARG A 153 -4.70 11.61 7.17
N GLY A 154 -3.63 12.09 7.79
CA GLY A 154 -2.40 11.36 7.91
C GLY A 154 -1.20 12.26 7.62
N THR A 155 -0.06 11.63 7.38
CA THR A 155 1.19 12.35 7.19
C THR A 155 2.03 11.65 6.13
N THR A 156 2.70 12.43 5.30
CA THR A 156 3.71 11.93 4.38
C THR A 156 5.01 12.67 4.67
N VAL A 157 6.07 11.92 4.95
CA VAL A 157 7.40 12.47 5.22
C VAL A 157 8.31 12.07 4.06
N SER A 158 8.92 13.06 3.42
CA SER A 158 9.84 12.83 2.31
C SER A 158 11.25 13.24 2.72
N VAL A 159 12.18 12.29 2.69
CA VAL A 159 13.57 12.52 3.07
C VAL A 159 14.40 12.40 1.81
N GLN A 160 14.82 13.53 1.25
CA GLN A 160 15.52 13.54 -0.03
C GLN A 160 17.03 13.68 0.19
N GLN A 161 17.78 12.79 -0.43
CA GLN A 161 19.25 12.80 -0.44
C GLN A 161 19.81 12.77 0.97
N LEU A 162 19.49 11.70 1.68
CA LEU A 162 19.97 11.52 3.04
C LEU A 162 21.49 11.61 3.09
N PHE A 163 21.98 12.37 4.09
CA PHE A 163 23.40 12.61 4.39
C PHE A 163 24.08 13.54 3.39
N SER A 164 23.32 14.20 2.51
CA SER A 164 23.96 15.03 1.49
C SER A 164 24.79 16.15 2.09
N THR A 165 24.37 16.69 3.25
CA THR A 165 25.11 17.75 3.90
C THR A 165 26.39 17.23 4.59
N LEU A 166 26.57 15.92 4.70
CA LEU A 166 27.77 15.31 5.26
C LEU A 166 28.44 14.47 4.17
N PRO A 167 29.26 15.09 3.33
CA PRO A 167 29.80 14.36 2.17
C PRO A 167 30.57 13.10 2.51
N VAL A 168 31.29 13.06 3.64
CA VAL A 168 32.03 11.85 3.99
C VAL A 168 31.06 10.72 4.31
N ARG A 169 30.05 11.00 5.13
CA ARG A 169 29.05 9.99 5.43
C ARG A 169 28.21 9.65 4.22
N HIS A 170 27.95 10.63 3.36
CA HIS A 170 27.17 10.38 2.14
C HIS A 170 27.88 9.39 1.23
N LYS A 171 29.21 9.50 1.11
CA LYS A 171 29.96 8.60 0.24
C LYS A 171 30.03 7.20 0.84
N GLU A 172 30.26 7.10 2.15
CA GLU A 172 30.23 5.80 2.80
C GLU A 172 28.88 5.13 2.64
N PHE A 173 27.80 5.92 2.75
CA PHE A 173 26.45 5.44 2.50
C PHE A 173 26.33 4.86 1.09
N GLN A 174 26.82 5.59 0.09
CA GLN A 174 26.73 5.13 -1.29
C GLN A 174 27.59 3.90 -1.52
N ARG A 175 28.83 3.90 -1.00
CA ARG A 175 29.73 2.78 -1.23
C ARG A 175 29.23 1.52 -0.56
N ASN A 176 28.57 1.63 0.58
CA ASN A 176 28.10 0.49 1.36
C ASN A 176 26.59 0.30 1.26
N ILE A 177 26.00 0.66 0.11
CA ILE A 177 24.54 0.72 0.02
C ILE A 177 23.92 -0.67 0.10
N LYS A 178 24.61 -1.70 -0.39
CA LYS A 178 24.02 -3.03 -0.35
C LYS A 178 23.89 -3.54 1.09
N LYS A 179 24.90 -3.30 1.92
CA LYS A 179 24.81 -3.70 3.32
C LYS A 179 23.84 -2.80 4.09
N GLU A 180 23.85 -1.50 3.79
CA GLU A 180 22.93 -0.58 4.44
C GLU A 180 21.49 -0.88 4.07
N TYR A 181 21.26 -1.23 2.80
CA TYR A 181 19.91 -1.55 2.34
C TYR A 181 19.42 -2.87 2.91
N ALA A 182 20.30 -3.89 2.94
CA ALA A 182 19.90 -5.18 3.51
C ALA A 182 19.56 -5.03 4.99
N LYS A 183 20.35 -4.24 5.71
CA LYS A 183 20.07 -3.99 7.11
C LYS A 183 18.70 -3.35 7.30
N MET A 184 18.37 -2.38 6.45
CA MET A 184 17.07 -1.72 6.55
C MET A 184 15.93 -2.69 6.20
N VAL A 185 16.14 -3.54 5.20
CA VAL A 185 15.10 -4.51 4.81
C VAL A 185 14.81 -5.45 5.97
N GLN A 186 15.84 -5.89 6.68
CA GLN A 186 15.63 -6.77 7.83
C GLN A 186 14.74 -6.08 8.88
N VAL A 187 15.02 -4.81 9.16
CA VAL A 187 14.21 -4.05 10.12
C VAL A 187 12.79 -3.92 9.62
N LEU A 188 12.63 -3.61 8.34
CA LEU A 188 11.31 -3.49 7.76
C LEU A 188 10.54 -4.80 7.83
N HIS A 189 11.22 -5.91 7.58
CA HIS A 189 10.57 -7.22 7.67
C HIS A 189 10.08 -7.49 9.09
N ALA A 190 10.85 -7.08 10.09
CA ALA A 190 10.43 -7.28 11.49
C ALA A 190 9.13 -6.56 11.79
N TYR A 191 9.04 -5.30 11.39
CA TYR A 191 7.81 -4.54 11.64
C TYR A 191 6.65 -5.09 10.81
N CYS A 192 6.92 -5.52 9.57
CA CYS A 192 5.89 -6.16 8.77
C CYS A 192 5.31 -7.36 9.48
N ILE A 193 6.16 -8.19 10.07
CA ILE A 193 5.73 -9.43 10.69
C ILE A 193 4.84 -9.14 11.89
N ILE A 194 5.28 -8.22 12.75
CA ILE A 194 4.60 -8.03 14.02
C ILE A 194 3.39 -7.13 13.93
N SER A 195 3.28 -6.30 12.88
CA SER A 195 2.22 -5.30 12.79
C SER A 195 0.97 -5.91 12.14
N ALA A 196 0.33 -6.80 12.90
CA ALA A 196 -0.94 -7.36 12.46
C ALA A 196 -2.00 -6.28 12.35
N GLY A 197 -2.85 -6.40 11.33
CA GLY A 197 -3.91 -5.43 11.10
C GLY A 197 -3.49 -4.17 10.39
N ILE A 198 -2.22 -4.06 9.99
CA ILE A 198 -1.69 -2.86 9.36
C ILE A 198 -1.06 -3.28 8.03
N ARG A 199 -1.43 -2.57 6.97
CA ARG A 199 -0.90 -2.83 5.64
C ARG A 199 0.39 -2.02 5.48
N VAL A 200 1.50 -2.71 5.39
CA VAL A 200 2.80 -2.09 5.17
C VAL A 200 3.27 -2.50 3.78
N SER A 201 3.69 -1.53 2.97
CA SER A 201 4.18 -1.81 1.64
C SER A 201 5.45 -1.01 1.39
N CYS A 202 6.30 -1.53 0.52
CA CYS A 202 7.55 -0.86 0.20
C CYS A 202 7.93 -1.17 -1.23
N THR A 203 8.37 -0.14 -1.95
CA THR A 203 8.93 -0.28 -3.28
C THR A 203 10.26 0.45 -3.36
N ASN A 204 11.05 0.08 -4.35
CA ASN A 204 12.33 0.69 -4.61
C ASN A 204 12.43 0.92 -6.11
N GLN A 205 13.03 2.05 -6.48
CA GLN A 205 13.13 2.46 -7.88
C GLN A 205 14.56 2.88 -8.17
N LEU A 206 15.14 2.30 -9.21
CA LEU A 206 16.52 2.58 -9.59
C LEU A 206 16.49 3.41 -10.87
N GLY A 207 16.95 4.65 -10.76
CA GLY A 207 17.01 5.53 -11.91
C GLY A 207 15.62 5.83 -12.43
N GLN A 208 15.45 5.72 -13.74
CA GLN A 208 14.16 5.90 -14.40
C GLN A 208 13.41 4.58 -14.56
N GLY A 209 13.90 3.49 -13.98
CA GLY A 209 13.28 2.20 -14.16
C GLY A 209 11.97 2.11 -13.40
N LYS A 210 11.30 0.98 -13.57
CA LYS A 210 10.02 0.79 -12.90
C LYS A 210 10.24 0.51 -11.42
N ARG A 211 9.23 0.83 -10.63
CA ARG A 211 9.27 0.53 -9.20
C ARG A 211 9.30 -0.98 -9.01
N GLN A 212 10.09 -1.41 -8.04
CA GLN A 212 10.28 -2.83 -7.79
C GLN A 212 9.68 -3.18 -6.44
N PRO A 213 8.90 -4.26 -6.34
CA PRO A 213 8.34 -4.64 -5.03
C PRO A 213 9.43 -5.06 -4.08
N VAL A 214 9.30 -4.63 -2.84
CA VAL A 214 10.23 -5.02 -1.77
C VAL A 214 9.54 -5.90 -0.74
N VAL A 215 8.43 -5.43 -0.18
CA VAL A 215 7.65 -6.19 0.80
C VAL A 215 6.25 -5.60 0.83
N CYS A 216 5.28 -6.41 1.27
CA CYS A 216 3.90 -5.95 1.30
C CYS A 216 3.09 -6.87 2.19
N THR A 217 2.45 -6.32 3.22
CA THR A 217 1.49 -7.07 4.02
C THR A 217 0.06 -6.70 3.63
N GLY A 218 -0.86 -7.60 3.97
CA GLY A 218 -2.24 -7.49 3.55
C GLY A 218 -3.23 -7.01 4.60
N GLY A 219 -2.76 -6.49 5.73
CA GLY A 219 -3.68 -6.09 6.77
C GLY A 219 -4.33 -7.24 7.50
N SER A 220 -3.62 -8.35 7.64
CA SER A 220 -4.13 -9.59 8.21
C SER A 220 -4.06 -9.55 9.73
N PRO A 221 -4.97 -10.25 10.42
CA PRO A 221 -5.00 -10.19 11.89
C PRO A 221 -3.97 -11.06 12.60
N SER A 222 -3.23 -11.93 11.90
CA SER A 222 -2.31 -12.83 12.57
C SER A 222 -0.88 -12.62 12.09
N ILE A 223 0.06 -12.78 13.01
CA ILE A 223 1.48 -12.79 12.67
C ILE A 223 1.76 -13.85 11.62
N LYS A 224 1.06 -14.98 11.69
CA LYS A 224 1.28 -16.07 10.75
C LYS A 224 0.97 -15.64 9.31
N GLU A 225 -0.14 -14.93 9.11
CA GLU A 225 -0.48 -14.45 7.78
C GLU A 225 0.50 -13.39 7.29
N ASN A 226 1.01 -12.55 8.20
CA ASN A 226 2.03 -11.58 7.81
C ASN A 226 3.29 -12.28 7.33
N ILE A 227 3.67 -13.38 7.97
CA ILE A 227 4.83 -14.15 7.51
C ILE A 227 4.60 -14.63 6.09
N GLY A 228 3.40 -15.16 5.81
CA GLY A 228 3.09 -15.58 4.45
C GLY A 228 3.17 -14.45 3.45
N SER A 229 2.67 -13.26 3.84
CA SER A 229 2.76 -12.11 2.95
C SER A 229 4.21 -11.72 2.69
N VAL A 230 5.05 -11.73 3.72
CA VAL A 230 6.41 -11.22 3.60
C VAL A 230 7.28 -12.21 2.81
N PHE A 231 7.18 -13.50 3.12
CA PHE A 231 8.08 -14.50 2.56
C PHE A 231 7.41 -15.52 1.65
N GLY A 232 6.10 -15.51 1.52
CA GLY A 232 5.41 -16.49 0.72
C GLY A 232 4.87 -17.66 1.54
N GLN A 233 3.92 -18.39 0.97
CA GLN A 233 3.32 -19.51 1.68
C GLN A 233 4.29 -20.67 1.83
N LYS A 234 5.30 -20.76 0.97
CA LYS A 234 6.28 -21.83 1.10
C LYS A 234 7.01 -21.76 2.44
N GLN A 235 7.31 -20.55 2.90
CA GLN A 235 8.01 -20.40 4.17
C GLN A 235 7.19 -20.96 5.33
N LEU A 236 5.86 -20.78 5.28
CA LEU A 236 4.99 -21.28 6.35
C LEU A 236 4.99 -22.79 6.44
N GLN A 237 5.18 -23.49 5.32
CA GLN A 237 5.05 -24.94 5.29
C GLN A 237 6.11 -25.66 6.14
N SER A 238 7.19 -24.96 6.52
CA SER A 238 8.26 -25.58 7.30
C SER A 238 8.28 -25.10 8.75
N LEU A 239 7.23 -24.42 9.20
CA LEU A 239 7.20 -23.81 10.53
C LEU A 239 6.27 -24.56 11.47
N ILE A 240 6.60 -24.49 12.76
CA ILE A 240 5.69 -24.97 13.80
C ILE A 240 5.44 -23.82 14.77
N PRO A 241 4.26 -23.73 15.35
CA PRO A 241 4.02 -22.66 16.33
C PRO A 241 4.76 -22.94 17.63
N PHE A 242 5.18 -21.88 18.28
CA PHE A 242 5.79 -22.02 19.58
C PHE A 242 4.75 -22.50 20.58
N VAL A 243 5.11 -23.50 21.38
CA VAL A 243 4.24 -24.07 22.39
C VAL A 243 4.93 -23.91 23.72
N GLN A 244 4.41 -23.04 24.57
CA GLN A 244 5.06 -22.73 25.83
C GLN A 244 4.79 -23.80 26.87
N LEU A 245 5.84 -24.19 27.59
CA LEU A 245 5.77 -25.17 28.66
C LEU A 245 6.40 -24.59 29.92
N PRO A 246 5.94 -25.03 31.10
CA PRO A 246 6.67 -24.70 32.31
C PRO A 246 8.07 -25.29 32.28
N PRO A 247 9.04 -24.65 32.91
CA PRO A 247 10.42 -25.15 32.84
C PRO A 247 10.57 -26.45 33.62
N SER A 248 11.22 -27.43 32.99
CA SER A 248 11.39 -28.74 33.62
C SER A 248 12.41 -28.65 34.75
N ASP A 249 12.48 -29.73 35.54
CA ASP A 249 13.40 -29.74 36.67
C ASP A 249 14.85 -29.72 36.22
N SER A 250 15.18 -30.49 35.18
CA SER A 250 16.57 -30.55 34.70
C SER A 250 17.04 -29.21 34.17
N VAL A 251 16.20 -28.55 33.37
CA VAL A 251 16.55 -27.23 32.85
C VAL A 251 16.64 -26.21 33.98
N CYS A 252 15.75 -26.32 34.97
CA CYS A 252 15.85 -25.47 36.15
C CYS A 252 17.16 -25.71 36.88
N GLU A 253 17.50 -26.99 37.11
CA GLU A 253 18.78 -27.31 37.73
C GLU A 253 19.94 -26.85 36.86
N GLU A 254 19.76 -26.85 35.54
CA GLU A 254 20.81 -26.37 34.64
C GLU A 254 21.01 -24.87 34.80
N TYR A 255 19.93 -24.12 34.99
CA TYR A 255 20.02 -22.68 35.19
C TYR A 255 20.04 -22.29 36.66
N GLY A 256 20.07 -23.28 37.55
CA GLY A 256 20.08 -23.02 38.98
C GLY A 256 18.84 -22.31 39.45
N LEU A 257 17.67 -22.85 39.10
CA LEU A 257 16.39 -22.26 39.47
C LEU A 257 15.67 -23.22 40.41
N SER A 258 15.15 -22.68 41.52
CA SER A 258 14.38 -23.46 42.46
C SER A 258 12.92 -23.52 42.04
N CYS A 259 12.14 -24.33 42.76
CA CYS A 259 10.71 -24.36 42.53
C CYS A 259 10.10 -22.99 42.81
N SER A 260 10.61 -22.28 43.82
CA SER A 260 10.11 -20.95 44.13
C SER A 260 10.51 -19.92 43.07
N ASP A 261 11.67 -20.09 42.45
CA ASP A 261 12.13 -19.13 41.45
C ASP A 261 11.22 -19.13 40.22
N ALA A 262 10.74 -20.31 39.83
CA ALA A 262 9.89 -20.44 38.65
C ALA A 262 8.42 -20.21 38.94
N LEU A 263 8.03 -20.12 40.21
CA LEU A 263 6.61 -20.02 40.55
C LEU A 263 6.01 -18.70 40.11
N HIS A 264 6.78 -17.62 40.14
CA HIS A 264 6.29 -16.30 39.74
C HIS A 264 6.51 -16.03 38.26
N ASN A 265 6.29 -17.05 37.43
CA ASN A 265 6.57 -16.92 36.00
C ASN A 265 5.55 -16.00 35.33
N LEU A 266 6.05 -14.91 34.73
CA LEU A 266 5.19 -13.96 34.03
C LEU A 266 5.62 -13.74 32.57
N PHE A 267 6.44 -14.63 32.01
CA PHE A 267 6.81 -14.57 30.61
C PHE A 267 5.80 -15.31 29.75
N TYR A 268 5.34 -14.67 28.68
CA TYR A 268 4.45 -15.29 27.70
C TYR A 268 5.11 -15.19 26.33
N ILE A 269 5.47 -16.33 25.76
CA ILE A 269 6.21 -16.41 24.51
C ILE A 269 5.32 -17.01 23.44
N SER A 270 5.36 -16.45 22.24
CA SER A 270 4.58 -16.98 21.13
C SER A 270 5.34 -16.71 19.84
N GLY A 271 4.91 -17.39 18.78
CA GLY A 271 5.53 -17.20 17.49
C GLY A 271 5.73 -18.50 16.73
N PHE A 272 6.73 -18.53 15.85
CA PHE A 272 6.94 -19.66 14.97
C PHE A 272 8.44 -19.92 14.83
N ILE A 273 8.76 -21.18 14.54
CA ILE A 273 10.14 -21.59 14.35
C ILE A 273 10.14 -22.74 13.34
N SER A 274 11.27 -22.90 12.65
CA SER A 274 11.43 -24.00 11.72
C SER A 274 11.30 -25.34 12.43
N GLN A 275 10.76 -26.32 11.71
CA GLN A 275 10.84 -27.69 12.17
C GLN A 275 12.30 -28.15 12.17
N CYS A 276 12.62 -29.03 13.11
CA CYS A 276 14.00 -29.47 13.29
C CYS A 276 14.41 -30.60 12.34
N THR A 277 13.61 -30.89 11.32
CA THR A 277 13.97 -31.93 10.36
C THR A 277 15.30 -31.57 9.71
N HIS A 278 16.08 -32.60 9.37
CA HIS A 278 17.47 -32.39 8.97
C HIS A 278 17.62 -31.55 7.70
N GLY A 279 16.56 -31.34 6.93
CA GLY A 279 16.69 -30.58 5.71
C GLY A 279 15.88 -29.29 5.61
N VAL A 280 14.82 -29.17 6.41
CA VAL A 280 13.86 -28.08 6.25
C VAL A 280 14.31 -26.77 6.88
N GLY A 281 15.45 -26.73 7.54
CA GLY A 281 15.96 -25.50 8.11
C GLY A 281 16.54 -24.59 7.06
N ARG A 282 17.37 -23.65 7.52
CA ARG A 282 17.97 -22.66 6.63
C ARG A 282 19.48 -22.69 6.74
N SER A 283 20.13 -22.03 5.77
CA SER A 283 21.58 -22.02 5.69
C SER A 283 22.21 -20.98 6.61
N SER A 284 21.47 -19.96 7.03
CA SER A 284 22.01 -18.93 7.90
C SER A 284 20.88 -18.37 8.76
N THR A 285 21.24 -17.42 9.62
CA THR A 285 20.30 -16.73 10.50
C THR A 285 19.73 -15.48 9.85
N ASP A 286 19.47 -15.52 8.54
CA ASP A 286 18.97 -14.35 7.83
C ASP A 286 17.50 -14.06 8.09
N ARG A 287 16.78 -14.99 8.72
CA ARG A 287 15.35 -14.81 8.99
C ARG A 287 15.05 -15.18 10.45
N GLN A 288 15.66 -14.44 11.36
CA GLN A 288 15.44 -14.60 12.79
C GLN A 288 14.99 -13.26 13.36
N PHE A 289 13.76 -13.21 13.85
CA PHE A 289 13.11 -11.98 14.29
C PHE A 289 12.66 -12.16 15.74
N PHE A 290 13.22 -11.35 16.63
CA PHE A 290 12.86 -11.40 18.03
C PHE A 290 12.18 -10.09 18.42
N PHE A 291 11.16 -10.20 19.28
CA PHE A 291 10.38 -9.05 19.72
C PHE A 291 10.16 -9.17 21.22
N ILE A 292 10.26 -8.04 21.91
CA ILE A 292 9.88 -7.95 23.31
C ILE A 292 8.74 -6.95 23.40
N ASN A 293 7.58 -7.43 23.83
CA ASN A 293 6.36 -6.62 23.86
C ASN A 293 6.15 -5.96 22.49
N ARG A 294 6.26 -6.78 21.45
CA ARG A 294 6.02 -6.47 20.04
C ARG A 294 7.08 -5.54 19.45
N ARG A 295 8.12 -5.21 20.19
CA ARG A 295 9.09 -4.30 19.58
C ARG A 295 10.32 -5.06 19.15
N PRO A 296 10.78 -4.87 17.90
CA PRO A 296 11.92 -5.65 17.40
C PRO A 296 13.20 -5.31 18.15
N CYS A 297 13.95 -6.35 18.49
CA CYS A 297 15.19 -6.20 19.23
C CYS A 297 16.04 -7.44 18.97
N ASP A 298 17.25 -7.46 19.53
CA ASP A 298 18.17 -8.58 19.38
C ASP A 298 18.71 -8.98 20.76
N PRO A 299 18.02 -9.86 21.47
CA PRO A 299 18.53 -10.35 22.76
C PRO A 299 19.57 -11.43 22.53
N ALA A 300 20.81 -11.15 22.92
CA ALA A 300 21.93 -12.02 22.58
C ALA A 300 21.75 -13.43 23.15
N LYS A 301 21.54 -13.53 24.46
CA LYS A 301 21.47 -14.84 25.10
C LYS A 301 20.26 -15.62 24.61
N VAL A 302 19.13 -14.94 24.41
CA VAL A 302 17.94 -15.62 23.90
C VAL A 302 18.20 -16.13 22.49
N CYS A 303 18.73 -15.27 21.62
CA CYS A 303 19.05 -15.70 20.27
C CYS A 303 20.07 -16.83 20.27
N ARG A 304 21.11 -16.70 21.10
CA ARG A 304 22.11 -17.76 21.21
C ARG A 304 21.47 -19.06 21.65
N LEU A 305 20.56 -18.98 22.62
CA LEU A 305 19.94 -20.19 23.17
C LEU A 305 19.03 -20.86 22.13
N VAL A 306 18.26 -20.06 21.40
CA VAL A 306 17.35 -20.61 20.41
C VAL A 306 18.13 -21.37 19.34
N ASN A 307 19.22 -20.77 18.85
CA ASN A 307 20.05 -21.44 17.85
C ASN A 307 20.71 -22.69 18.42
N GLU A 308 21.09 -22.64 19.70
CA GLU A 308 21.73 -23.79 20.33
C GLU A 308 20.79 -24.98 20.41
N VAL A 309 19.55 -24.74 20.80
CA VAL A 309 18.60 -25.84 20.95
C VAL A 309 18.26 -26.46 19.60
N TYR A 310 18.13 -25.64 18.56
CA TYR A 310 17.82 -26.16 17.23
C TYR A 310 18.94 -27.06 16.73
N HIS A 311 20.19 -26.67 16.99
CA HIS A 311 21.32 -27.46 16.56
C HIS A 311 21.44 -28.79 17.30
N MET A 312 20.79 -28.91 18.46
CA MET A 312 20.71 -30.22 19.12
C MET A 312 19.94 -31.23 18.28
N TYR A 313 19.11 -30.76 17.36
CA TYR A 313 18.34 -31.61 16.48
C TYR A 313 18.71 -31.46 15.01
N ASN A 314 19.31 -30.34 14.63
CA ASN A 314 19.71 -30.04 13.25
C ASN A 314 20.98 -29.19 13.33
N ARG A 315 22.11 -29.88 13.47
CA ARG A 315 23.36 -29.19 13.74
C ARG A 315 23.87 -28.40 12.53
N HIS A 316 23.43 -28.74 11.33
CA HIS A 316 23.98 -28.17 10.11
C HIS A 316 23.15 -27.02 9.55
N GLN A 317 22.01 -26.70 10.16
CA GLN A 317 21.14 -25.66 9.65
C GLN A 317 20.77 -24.69 10.76
N TYR A 318 20.27 -23.53 10.35
CA TYR A 318 19.76 -22.50 11.25
C TYR A 318 18.27 -22.32 11.01
N PRO A 319 17.49 -22.07 12.05
CA PRO A 319 16.04 -21.98 11.90
C PRO A 319 15.53 -20.60 11.52
N PHE A 320 14.40 -20.61 10.83
CA PHE A 320 13.55 -19.42 10.78
C PHE A 320 12.93 -19.22 12.15
N VAL A 321 12.96 -17.99 12.65
CA VAL A 321 12.47 -17.70 13.99
C VAL A 321 11.65 -16.41 13.95
N VAL A 322 10.43 -16.48 14.46
CA VAL A 322 9.67 -15.30 14.87
C VAL A 322 9.23 -15.55 16.30
N LEU A 323 9.71 -14.72 17.23
CA LEU A 323 9.49 -14.96 18.65
C LEU A 323 9.17 -13.65 19.35
N ASN A 324 7.98 -13.55 19.92
CA ASN A 324 7.61 -12.41 20.77
C ASN A 324 7.60 -12.85 22.22
N ILE A 325 8.24 -12.07 23.07
CA ILE A 325 8.32 -12.31 24.49
C ILE A 325 7.50 -11.22 25.16
N SER A 326 6.38 -11.60 25.75
CA SER A 326 5.49 -10.65 26.40
C SER A 326 5.77 -10.68 27.89
N VAL A 327 6.01 -9.50 28.47
CA VAL A 327 6.47 -9.41 29.86
C VAL A 327 6.11 -8.03 30.37
N ASP A 328 6.02 -7.89 31.70
CA ASP A 328 5.69 -6.60 32.28
C ASP A 328 6.79 -5.60 31.97
N SER A 329 6.40 -4.38 31.62
CA SER A 329 7.36 -3.36 31.19
C SER A 329 8.31 -2.95 32.29
N GLU A 330 7.93 -3.12 33.56
CA GLU A 330 8.84 -2.82 34.66
C GLU A 330 10.05 -3.74 34.67
N CYS A 331 9.95 -4.91 34.05
CA CYS A 331 11.00 -5.91 34.11
C CYS A 331 11.97 -5.80 32.93
N VAL A 332 11.95 -4.68 32.22
CA VAL A 332 12.77 -4.47 31.04
C VAL A 332 13.59 -3.20 31.25
N ASP A 333 14.87 -3.26 30.93
CA ASP A 333 15.73 -2.09 31.04
C ASP A 333 16.51 -1.85 29.74
N ILE A 343 19.84 -5.07 25.88
CA ILE A 343 18.56 -5.41 26.48
C ILE A 343 18.76 -6.11 27.81
N LEU A 344 18.13 -5.58 28.86
CA LEU A 344 18.25 -6.10 30.22
C LEU A 344 16.89 -6.59 30.69
N LEU A 345 16.80 -7.87 31.03
CA LEU A 345 15.54 -8.52 31.40
C LEU A 345 15.69 -9.15 32.78
N GLN A 346 14.82 -8.74 33.71
CA GLN A 346 14.79 -9.38 35.01
C GLN A 346 14.37 -10.84 34.87
N GLU A 347 14.93 -11.69 35.73
CA GLU A 347 14.65 -13.13 35.70
C GLU A 347 14.90 -13.72 34.32
N GLU A 348 15.96 -13.25 33.65
CA GLU A 348 16.30 -13.78 32.33
C GLU A 348 16.55 -15.28 32.39
N LYS A 349 17.09 -15.77 33.51
CA LYS A 349 17.31 -17.20 33.64
C LYS A 349 15.99 -17.97 33.55
N LEU A 350 14.94 -17.44 34.17
CA LEU A 350 13.63 -18.08 34.06
C LEU A 350 13.13 -18.09 32.63
N LEU A 351 13.33 -16.98 31.91
CA LEU A 351 12.92 -16.93 30.51
C LEU A 351 13.65 -17.98 29.69
N LEU A 352 14.98 -18.05 29.85
CA LEU A 352 15.77 -19.00 29.07
C LEU A 352 15.36 -20.44 29.38
N ALA A 353 15.01 -20.73 30.63
CA ALA A 353 14.57 -22.08 30.99
C ALA A 353 13.25 -22.44 30.31
N VAL A 354 12.29 -21.50 30.31
CA VAL A 354 11.03 -21.73 29.61
C VAL A 354 11.29 -21.96 28.13
N LEU A 355 12.19 -21.17 27.54
CA LEU A 355 12.49 -21.30 26.13
C LEU A 355 13.05 -22.68 25.81
N LYS A 356 14.10 -23.09 26.52
CA LYS A 356 14.73 -24.38 26.25
C LYS A 356 13.74 -25.53 26.46
N THR A 357 13.01 -25.49 27.57
CA THR A 357 12.04 -26.55 27.86
C THR A 357 10.98 -26.62 26.75
N SER A 358 10.46 -25.47 26.35
CA SER A 358 9.41 -25.44 25.33
C SER A 358 9.94 -25.93 23.98
N LEU A 359 11.13 -25.48 23.59
CA LEU A 359 11.69 -25.90 22.32
C LEU A 359 11.97 -27.40 22.30
N ILE A 360 12.48 -27.93 23.41
CA ILE A 360 12.72 -29.38 23.50
C ILE A 360 11.40 -30.14 23.37
N GLY A 361 10.34 -29.62 24.00
CA GLY A 361 9.05 -30.27 23.89
C GLY A 361 8.48 -30.24 22.49
N MET A 362 8.76 -29.18 21.73
CA MET A 362 8.23 -29.07 20.37
C MET A 362 8.94 -30.03 19.42
N PHE A 363 10.25 -30.22 19.60
CA PHE A 363 11.06 -30.96 18.64
C PHE A 363 11.10 -32.46 18.93
N ASP A 364 10.74 -32.90 20.12
CA ASP A 364 10.74 -34.33 20.45
C ASP A 364 9.58 -35.08 19.78
N SER A 365 9.79 -36.37 19.54
CA SER A 365 8.78 -37.21 18.91
N LEU B 33 -20.25 -8.89 -16.79
CA LEU B 33 -19.44 -8.93 -15.58
C LEU B 33 -18.11 -9.64 -15.83
N SER B 34 -17.02 -8.95 -15.52
CA SER B 34 -15.68 -9.45 -15.69
C SER B 34 -14.86 -9.01 -14.50
N LEU B 35 -13.59 -9.44 -14.46
CA LEU B 35 -12.69 -8.98 -13.42
C LEU B 35 -12.67 -7.45 -13.37
N SER B 36 -12.58 -6.81 -14.54
CA SER B 36 -12.49 -5.36 -14.58
C SER B 36 -13.80 -4.71 -14.12
N THR B 37 -14.94 -5.26 -14.54
CA THR B 37 -16.21 -4.68 -14.14
C THR B 37 -16.49 -4.96 -12.66
N ALA B 38 -16.08 -6.13 -12.16
CA ALA B 38 -16.22 -6.40 -10.74
C ALA B 38 -15.41 -5.41 -9.91
N VAL B 39 -14.17 -5.14 -10.33
CA VAL B 39 -13.35 -4.17 -9.62
C VAL B 39 -13.94 -2.77 -9.75
N LYS B 40 -14.42 -2.41 -10.95
CA LYS B 40 -15.03 -1.10 -11.14
C LYS B 40 -16.20 -0.89 -10.19
N GLU B 41 -17.03 -1.91 -10.02
CA GLU B 41 -18.20 -1.77 -9.14
C GLU B 41 -17.80 -1.64 -7.68
N LEU B 42 -16.83 -2.45 -7.23
CA LEU B 42 -16.41 -2.37 -5.84
C LEU B 42 -15.70 -1.06 -5.55
N VAL B 43 -14.90 -0.57 -6.49
CA VAL B 43 -14.25 0.73 -6.32
C VAL B 43 -15.30 1.84 -6.22
N GLU B 44 -16.30 1.80 -7.09
CA GLU B 44 -17.35 2.82 -7.05
C GLU B 44 -18.15 2.75 -5.76
N ASN B 45 -18.36 1.56 -5.22
N ASN B 45 -18.34 1.56 -5.22
CA ASN B 45 -19.04 1.46 -3.94
CA ASN B 45 -19.04 1.44 -3.95
C ASN B 45 -18.23 2.10 -2.84
C ASN B 45 -18.24 2.06 -2.82
N SER B 46 -16.91 1.91 -2.86
CA SER B 46 -16.06 2.55 -1.85
C SER B 46 -16.05 4.06 -2.02
N LEU B 47 -16.00 4.54 -3.27
CA LEU B 47 -16.03 5.96 -3.52
C LEU B 47 -17.32 6.58 -3.02
N ASP B 48 -18.45 5.89 -3.23
CA ASP B 48 -19.73 6.43 -2.80
C ASP B 48 -19.86 6.40 -1.27
N ALA B 49 -19.14 5.49 -0.60
CA ALA B 49 -19.11 5.50 0.85
C ALA B 49 -18.22 6.60 1.40
N GLY B 50 -17.60 7.40 0.54
CA GLY B 50 -16.75 8.48 0.99
C GLY B 50 -15.38 8.05 1.45
N ALA B 51 -14.81 7.01 0.85
CA ALA B 51 -13.50 6.53 1.26
C ALA B 51 -12.40 7.48 0.80
N THR B 52 -11.38 7.63 1.64
CA THR B 52 -10.12 8.27 1.28
C THR B 52 -9.00 7.26 1.17
N ASN B 53 -9.27 5.99 1.47
CA ASN B 53 -8.31 4.90 1.36
C ASN B 53 -9.03 3.74 0.70
N ILE B 54 -8.49 3.24 -0.41
CA ILE B 54 -9.08 2.10 -1.10
C ILE B 54 -7.98 1.14 -1.51
N ASP B 55 -8.00 -0.08 -0.98
CA ASP B 55 -6.98 -1.08 -1.22
C ASP B 55 -7.59 -2.24 -1.97
N LEU B 56 -7.03 -2.54 -3.13
CA LEU B 56 -7.45 -3.69 -3.93
C LEU B 56 -6.41 -4.79 -3.70
N LYS B 57 -6.85 -5.91 -3.13
CA LYS B 57 -5.99 -7.04 -2.86
C LYS B 57 -6.38 -8.18 -3.78
N LEU B 58 -5.43 -8.65 -4.59
CA LEU B 58 -5.64 -9.73 -5.54
C LEU B 58 -4.82 -10.95 -5.16
N LYS B 59 -5.36 -12.12 -5.45
CA LYS B 59 -4.61 -13.37 -5.38
C LYS B 59 -4.75 -14.05 -6.74
N ASP B 60 -3.63 -14.37 -7.36
CA ASP B 60 -3.59 -14.93 -8.71
C ASP B 60 -4.37 -14.04 -9.69
N TYR B 61 -4.02 -12.76 -9.69
CA TYR B 61 -4.61 -11.75 -10.59
C TYR B 61 -6.11 -11.60 -10.39
N GLY B 62 -6.63 -12.12 -9.28
CA GLY B 62 -8.06 -12.06 -8.99
C GLY B 62 -8.83 -13.33 -9.28
N VAL B 63 -8.18 -14.33 -9.87
CA VAL B 63 -8.86 -15.61 -10.10
C VAL B 63 -9.18 -16.26 -8.76
N ASP B 64 -8.29 -16.11 -7.79
CA ASP B 64 -8.46 -16.70 -6.46
C ASP B 64 -9.17 -15.73 -5.50
N LEU B 65 -8.81 -14.45 -5.54
CA LEU B 65 -9.39 -13.48 -4.62
C LEU B 65 -9.40 -12.10 -5.23
N ILE B 66 -10.55 -11.41 -5.13
CA ILE B 66 -10.68 -9.98 -5.41
C ILE B 66 -11.20 -9.36 -4.12
N GLU B 67 -10.39 -8.53 -3.48
CA GLU B 67 -10.78 -7.93 -2.21
C GLU B 67 -10.55 -6.43 -2.24
N VAL B 68 -11.58 -5.67 -1.92
CA VAL B 68 -11.50 -4.21 -1.85
C VAL B 68 -11.82 -3.79 -0.42
N SER B 69 -10.87 -3.10 0.21
CA SER B 69 -10.98 -2.64 1.58
C SER B 69 -10.91 -1.12 1.58
N ASP B 70 -11.85 -0.47 2.28
CA ASP B 70 -11.89 1.00 2.32
C ASP B 70 -12.16 1.48 3.74
N ASN B 71 -11.96 2.79 3.95
CA ASN B 71 -12.23 3.44 5.21
C ASN B 71 -13.41 4.41 5.07
N GLY B 72 -14.39 4.03 4.26
CA GLY B 72 -15.58 4.85 4.09
C GLY B 72 -16.51 4.75 5.28
N CYS B 73 -17.79 5.10 5.06
CA CYS B 73 -18.73 5.19 6.17
C CYS B 73 -19.13 3.84 6.73
N GLY B 74 -18.90 2.76 6.00
CA GLY B 74 -19.35 1.45 6.44
C GLY B 74 -20.85 1.32 6.32
N VAL B 75 -21.36 0.17 6.77
CA VAL B 75 -22.77 -0.16 6.65
C VAL B 75 -23.35 -0.36 8.04
N GLU B 76 -24.50 0.27 8.30
CA GLU B 76 -25.17 0.09 9.58
C GLU B 76 -25.78 -1.31 9.66
N GLU B 77 -25.97 -1.77 10.91
CA GLU B 77 -26.48 -3.12 11.13
C GLU B 77 -27.90 -3.29 10.61
N GLU B 78 -28.67 -2.21 10.58
CA GLU B 78 -30.06 -2.30 10.13
C GLU B 78 -30.19 -2.65 8.65
N ASN B 79 -29.16 -2.34 7.86
CA ASN B 79 -29.20 -2.52 6.41
C ASN B 79 -28.40 -3.73 5.94
N PHE B 80 -28.01 -4.63 6.86
CA PHE B 80 -27.24 -5.80 6.46
C PHE B 80 -28.04 -6.70 5.51
N GLU B 81 -29.34 -6.89 5.80
CA GLU B 81 -30.16 -7.75 4.96
C GLU B 81 -30.31 -7.19 3.55
N GLY B 82 -30.58 -5.89 3.44
CA GLY B 82 -30.86 -5.28 2.15
C GLY B 82 -29.66 -5.03 1.26
N LEU B 83 -28.48 -5.47 1.65
CA LEU B 83 -27.31 -5.27 0.81
C LEU B 83 -27.40 -6.05 -0.50
N THR B 84 -28.14 -7.16 -0.49
CA THR B 84 -28.26 -8.00 -1.67
C THR B 84 -29.71 -8.08 -2.13
N LEU B 85 -30.40 -6.95 -2.16
CA LEU B 85 -31.79 -6.92 -2.56
C LEU B 85 -32.16 -5.57 -3.17
N ALA B 110 -25.75 -5.30 -7.71
CA ALA B 110 -24.33 -5.56 -7.98
C ALA B 110 -23.82 -6.66 -7.06
N LEU B 111 -24.01 -6.46 -5.76
CA LEU B 111 -23.52 -7.41 -4.77
C LEU B 111 -24.25 -8.74 -4.90
N SER B 112 -25.56 -8.70 -5.17
CA SER B 112 -26.33 -9.91 -5.35
C SER B 112 -25.80 -10.73 -6.51
N SER B 113 -25.36 -10.06 -7.58
CA SER B 113 -24.79 -10.78 -8.72
C SER B 113 -23.47 -11.43 -8.34
N LEU B 114 -22.66 -10.75 -7.52
CA LEU B 114 -21.39 -11.31 -7.11
C LEU B 114 -21.57 -12.52 -6.21
N CYS B 115 -22.62 -12.51 -5.38
CA CYS B 115 -22.90 -13.68 -4.55
C CYS B 115 -23.26 -14.89 -5.40
N ALA B 116 -24.00 -14.68 -6.48
CA ALA B 116 -24.37 -15.77 -7.35
C ALA B 116 -23.17 -16.40 -8.05
N LEU B 117 -22.06 -15.66 -8.16
CA LEU B 117 -20.92 -16.07 -8.94
C LEU B 117 -19.68 -16.42 -8.12
N SER B 118 -19.69 -16.20 -6.81
CA SER B 118 -18.48 -16.35 -6.02
C SER B 118 -18.88 -16.55 -4.56
N ASP B 119 -17.86 -16.70 -3.72
CA ASP B 119 -18.04 -16.75 -2.28
C ASP B 119 -17.68 -15.38 -1.73
N VAL B 120 -18.67 -14.69 -1.17
CA VAL B 120 -18.54 -13.29 -0.79
C VAL B 120 -18.54 -13.20 0.74
N THR B 121 -17.50 -12.59 1.28
CA THR B 121 -17.42 -12.24 2.68
C THR B 121 -17.27 -10.73 2.82
N ILE B 122 -17.98 -10.14 3.79
CA ILE B 122 -17.96 -8.70 4.02
C ILE B 122 -17.74 -8.44 5.50
N SER B 123 -16.76 -7.59 5.80
CA SER B 123 -16.63 -6.99 7.12
C SER B 123 -16.91 -5.51 6.99
N THR B 124 -17.56 -4.94 8.00
CA THR B 124 -17.90 -3.53 7.95
C THR B 124 -18.01 -3.01 9.37
N CYS B 125 -17.81 -1.70 9.51
CA CYS B 125 -18.03 -1.02 10.78
C CYS B 125 -18.49 0.39 10.49
N HIS B 126 -19.69 0.71 10.94
CA HIS B 126 -20.18 2.08 10.90
C HIS B 126 -19.67 2.85 12.10
N ALA B 127 -19.47 4.16 11.92
CA ALA B 127 -18.95 4.97 13.03
C ALA B 127 -19.90 4.95 14.21
N SER B 128 -21.20 4.85 13.96
CA SER B 128 -22.17 4.74 15.04
C SER B 128 -22.15 3.37 15.72
N ALA B 129 -21.35 2.44 15.21
CA ALA B 129 -21.25 1.11 15.79
C ALA B 129 -20.00 1.03 16.66
N LYS B 130 -20.11 0.26 17.74
CA LYS B 130 -18.96 0.07 18.62
C LYS B 130 -17.93 -0.86 18.00
N VAL B 131 -18.38 -1.98 17.45
CA VAL B 131 -17.52 -2.96 16.81
C VAL B 131 -18.11 -3.31 15.46
N GLY B 132 -17.24 -3.78 14.56
CA GLY B 132 -17.68 -4.19 13.25
C GLY B 132 -18.41 -5.53 13.27
N THR B 133 -18.80 -5.95 12.07
CA THR B 133 -19.55 -7.19 11.88
C THR B 133 -18.94 -7.93 10.69
N ARG B 134 -18.92 -9.26 10.77
CA ARG B 134 -18.43 -10.09 9.67
C ARG B 134 -19.56 -10.95 9.13
N LEU B 135 -19.75 -10.89 7.81
CA LEU B 135 -20.88 -11.54 7.16
C LEU B 135 -20.42 -12.48 6.05
N MET B 136 -20.98 -13.69 6.02
CA MET B 136 -20.78 -14.65 4.96
C MET B 136 -22.09 -14.89 4.23
N PHE B 137 -22.02 -15.02 2.92
CA PHE B 137 -23.21 -15.11 2.08
C PHE B 137 -23.20 -16.38 1.25
N ASP B 138 -24.38 -16.97 1.05
CA ASP B 138 -24.51 -18.04 0.10
C ASP B 138 -24.78 -17.45 -1.28
N HIS B 139 -24.96 -18.31 -2.28
CA HIS B 139 -25.05 -17.83 -3.65
C HIS B 139 -26.40 -17.19 -3.98
N ASN B 140 -27.38 -17.28 -3.08
CA ASN B 140 -28.62 -16.55 -3.25
C ASN B 140 -28.61 -15.21 -2.54
N GLY B 141 -27.45 -14.80 -2.01
CA GLY B 141 -27.35 -13.55 -1.27
C GLY B 141 -27.82 -13.64 0.16
N LYS B 142 -28.07 -14.83 0.68
CA LYS B 142 -28.53 -15.00 2.05
C LYS B 142 -27.35 -15.02 3.01
N ILE B 143 -27.49 -14.33 4.14
CA ILE B 143 -26.43 -14.27 5.12
C ILE B 143 -26.27 -15.64 5.77
N ILE B 144 -25.09 -16.24 5.59
CA ILE B 144 -24.81 -17.52 6.23
C ILE B 144 -24.39 -17.31 7.68
N GLN B 145 -23.51 -16.35 7.92
CA GLN B 145 -22.92 -16.13 9.23
C GLN B 145 -22.82 -14.64 9.49
N LYS B 146 -23.18 -14.22 10.71
CA LYS B 146 -23.09 -12.82 11.11
C LYS B 146 -22.49 -12.77 12.51
N THR B 147 -21.25 -12.35 12.62
CA THR B 147 -20.53 -12.33 13.88
C THR B 147 -19.85 -10.98 14.09
N PRO B 148 -19.73 -10.54 15.33
CA PRO B 148 -18.97 -9.32 15.61
C PRO B 148 -17.52 -9.47 15.17
N TYR B 149 -16.95 -8.37 14.70
CA TYR B 149 -15.63 -8.43 14.06
C TYR B 149 -14.87 -7.14 14.28
N PRO B 150 -13.84 -7.15 15.11
CA PRO B 150 -13.08 -5.91 15.40
C PRO B 150 -12.32 -5.44 14.16
N ARG B 151 -12.64 -4.23 13.73
CA ARG B 151 -12.04 -3.66 12.54
C ARG B 151 -12.25 -2.15 12.57
N PRO B 152 -11.43 -1.39 11.86
CA PRO B 152 -11.65 0.06 11.75
C PRO B 152 -12.90 0.36 10.94
N ARG B 153 -13.34 1.61 11.05
CA ARG B 153 -14.50 2.08 10.28
C ARG B 153 -14.27 1.87 8.79
N GLY B 154 -15.29 1.36 8.11
CA GLY B 154 -15.21 1.12 6.70
C GLY B 154 -15.80 -0.22 6.34
N THR B 155 -15.46 -0.70 5.15
CA THR B 155 -16.02 -1.94 4.64
C THR B 155 -14.97 -2.68 3.85
N THR B 156 -14.94 -4.00 3.99
CA THR B 156 -14.11 -4.87 3.16
C THR B 156 -15.02 -5.89 2.50
N VAL B 157 -14.96 -5.96 1.17
CA VAL B 157 -15.72 -6.94 0.40
C VAL B 157 -14.72 -7.91 -0.21
N SER B 158 -14.90 -9.20 0.08
CA SER B 158 -14.01 -10.24 -0.41
C SER B 158 -14.76 -11.12 -1.40
N VAL B 159 -14.25 -11.20 -2.63
CA VAL B 159 -14.86 -11.98 -3.70
C VAL B 159 -13.95 -13.17 -3.96
N GLN B 160 -14.35 -14.34 -3.50
CA GLN B 160 -13.51 -15.54 -3.54
C GLN B 160 -13.89 -16.43 -4.72
N GLN B 161 -12.90 -16.74 -5.56
CA GLN B 161 -13.05 -17.67 -6.67
C GLN B 161 -14.18 -17.23 -7.61
N LEU B 162 -13.99 -16.04 -8.18
CA LEU B 162 -14.98 -15.48 -9.09
C LEU B 162 -15.29 -16.44 -10.23
N PHE B 163 -16.57 -16.60 -10.52
CA PHE B 163 -17.15 -17.46 -11.55
C PHE B 163 -17.12 -18.95 -11.21
N SER B 164 -16.82 -19.32 -9.95
CA SER B 164 -16.72 -20.74 -9.63
C SER B 164 -18.04 -21.48 -9.85
N THR B 165 -19.17 -20.82 -9.63
CA THR B 165 -20.46 -21.46 -9.84
C THR B 165 -20.79 -21.64 -11.31
N LEU B 166 -20.05 -21.01 -12.21
CA LEU B 166 -20.20 -21.16 -13.66
C LEU B 166 -18.89 -21.66 -14.24
N PRO B 167 -18.68 -22.98 -14.27
CA PRO B 167 -17.37 -23.52 -14.69
C PRO B 167 -16.88 -23.05 -16.04
N VAL B 168 -17.78 -22.78 -17.00
CA VAL B 168 -17.34 -22.33 -18.33
C VAL B 168 -16.69 -20.95 -18.24
N ARG B 169 -17.34 -20.01 -17.54
CA ARG B 169 -16.78 -18.67 -17.39
C ARG B 169 -15.54 -18.69 -16.49
N HIS B 170 -15.51 -19.56 -15.49
CA HIS B 170 -14.32 -19.68 -14.66
C HIS B 170 -13.12 -20.12 -15.49
N LYS B 171 -13.35 -21.04 -16.43
CA LYS B 171 -12.26 -21.53 -17.27
C LYS B 171 -11.81 -20.47 -18.27
N GLU B 172 -12.76 -19.78 -18.90
CA GLU B 172 -12.41 -18.68 -19.79
C GLU B 172 -11.67 -17.58 -19.03
N PHE B 173 -12.09 -17.31 -17.79
CA PHE B 173 -11.38 -16.37 -16.94
C PHE B 173 -9.92 -16.77 -16.76
N GLN B 174 -9.67 -18.03 -16.40
CA GLN B 174 -8.30 -18.49 -16.19
C GLN B 174 -7.50 -18.50 -17.49
N ARG B 175 -8.11 -18.97 -18.57
CA ARG B 175 -7.42 -19.06 -19.85
C ARG B 175 -7.05 -17.68 -20.38
N ASN B 176 -7.89 -16.67 -20.13
CA ASN B 176 -7.69 -15.33 -20.65
C ASN B 176 -7.26 -14.36 -19.56
N ILE B 177 -6.51 -14.83 -18.56
CA ILE B 177 -6.25 -14.00 -17.38
C ILE B 177 -5.35 -12.82 -17.73
N LYS B 178 -4.45 -12.96 -18.69
CA LYS B 178 -3.57 -11.85 -19.01
C LYS B 178 -4.34 -10.69 -19.61
N LYS B 179 -5.29 -10.96 -20.51
CA LYS B 179 -6.09 -9.89 -21.09
C LYS B 179 -7.09 -9.33 -20.10
N GLU B 180 -7.73 -10.19 -19.31
CA GLU B 180 -8.71 -9.72 -18.34
C GLU B 180 -8.03 -8.90 -17.25
N TYR B 181 -6.81 -9.30 -16.86
CA TYR B 181 -6.07 -8.53 -15.87
C TYR B 181 -5.63 -7.19 -16.46
N ALA B 182 -5.21 -7.17 -17.72
CA ALA B 182 -4.83 -5.92 -18.36
C ALA B 182 -6.02 -4.96 -18.43
N LYS B 183 -7.21 -5.47 -18.75
CA LYS B 183 -8.41 -4.64 -18.71
C LYS B 183 -8.65 -4.07 -17.32
N MET B 184 -8.49 -4.91 -16.29
CA MET B 184 -8.71 -4.45 -14.93
C MET B 184 -7.69 -3.39 -14.54
N VAL B 185 -6.45 -3.54 -15.00
CA VAL B 185 -5.42 -2.54 -14.73
C VAL B 185 -5.82 -1.19 -15.33
N GLN B 186 -6.38 -1.20 -16.54
CA GLN B 186 -6.86 0.04 -17.14
C GLN B 186 -7.90 0.72 -16.26
N VAL B 187 -8.86 -0.04 -15.73
CA VAL B 187 -9.85 0.52 -14.84
C VAL B 187 -9.20 1.02 -13.56
N LEU B 188 -8.28 0.24 -13.02
CA LEU B 188 -7.59 0.64 -11.79
C LEU B 188 -6.79 1.93 -11.99
N HIS B 189 -6.05 2.01 -13.10
CA HIS B 189 -5.24 3.19 -13.35
C HIS B 189 -6.09 4.43 -13.58
N ALA B 190 -7.22 4.28 -14.26
CA ALA B 190 -8.10 5.42 -14.48
C ALA B 190 -8.58 5.99 -13.14
N TYR B 191 -9.01 5.11 -12.24
CA TYR B 191 -9.46 5.59 -10.94
C TYR B 191 -8.32 6.14 -10.11
N CYS B 192 -7.12 5.54 -10.21
CA CYS B 192 -5.97 6.10 -9.52
C CYS B 192 -5.71 7.54 -9.98
N ILE B 193 -5.78 7.78 -11.30
CA ILE B 193 -5.43 9.07 -11.85
C ILE B 193 -6.43 10.14 -11.43
N ILE B 194 -7.73 9.82 -11.54
CA ILE B 194 -8.76 10.86 -11.36
C ILE B 194 -9.13 11.09 -9.90
N SER B 195 -8.81 10.14 -9.01
CA SER B 195 -9.26 10.23 -7.62
C SER B 195 -8.25 11.01 -6.78
N ALA B 196 -8.23 12.32 -7.02
CA ALA B 196 -7.43 13.21 -6.19
C ALA B 196 -7.93 13.19 -4.75
N GLY B 197 -7.00 13.24 -3.80
CA GLY B 197 -7.35 13.22 -2.40
C GLY B 197 -7.66 11.85 -1.83
N ILE B 198 -7.53 10.79 -2.63
CA ILE B 198 -7.86 9.44 -2.21
C ILE B 198 -6.67 8.54 -2.46
N ARG B 199 -6.28 7.78 -1.45
CA ARG B 199 -5.16 6.85 -1.56
C ARG B 199 -5.71 5.53 -2.12
N VAL B 200 -5.34 5.20 -3.35
CA VAL B 200 -5.77 3.97 -4.00
C VAL B 200 -4.55 3.08 -4.18
N SER B 201 -4.67 1.82 -3.77
CA SER B 201 -3.55 0.89 -3.88
C SER B 201 -4.04 -0.46 -4.39
N CYS B 202 -3.10 -1.23 -4.92
CA CYS B 202 -3.37 -2.57 -5.39
C CYS B 202 -2.16 -3.44 -5.12
N THR B 203 -2.41 -4.65 -4.63
CA THR B 203 -1.37 -5.65 -4.44
C THR B 203 -1.82 -6.94 -5.08
N ASN B 204 -0.86 -7.80 -5.39
CA ASN B 204 -1.14 -9.08 -6.01
C ASN B 204 -0.22 -10.14 -5.41
N GLN B 205 -0.73 -11.37 -5.31
CA GLN B 205 0.04 -12.49 -4.77
C GLN B 205 -0.21 -13.69 -5.67
N LEU B 206 0.86 -14.30 -6.18
CA LEU B 206 0.77 -15.41 -7.13
C LEU B 206 1.20 -16.72 -6.50
N GLY B 207 0.26 -17.67 -6.37
CA GLY B 207 0.63 -18.99 -5.90
C GLY B 207 1.16 -18.99 -4.49
N GLN B 208 2.32 -19.61 -4.32
CA GLN B 208 3.00 -19.69 -3.02
C GLN B 208 3.91 -18.50 -2.77
N GLY B 209 3.93 -17.52 -3.68
CA GLY B 209 4.84 -16.39 -3.59
C GLY B 209 4.43 -15.35 -2.56
N LYS B 210 5.32 -14.38 -2.38
CA LYS B 210 5.11 -13.27 -1.47
C LYS B 210 4.17 -12.23 -2.09
N ARG B 211 3.47 -11.51 -1.23
CA ARG B 211 2.62 -10.43 -1.70
C ARG B 211 3.46 -9.28 -2.26
N GLN B 212 3.05 -8.76 -3.42
CA GLN B 212 3.82 -7.73 -4.09
C GLN B 212 2.96 -6.49 -4.35
N PRO B 213 3.46 -5.29 -4.05
CA PRO B 213 2.72 -4.07 -4.39
C PRO B 213 2.63 -3.90 -5.90
N VAL B 214 1.49 -3.40 -6.35
CA VAL B 214 1.24 -3.15 -7.77
C VAL B 214 1.21 -1.65 -8.07
N VAL B 215 0.43 -0.89 -7.30
CA VAL B 215 0.37 0.56 -7.47
C VAL B 215 -0.14 1.14 -6.16
N CYS B 216 0.17 2.42 -5.94
CA CYS B 216 -0.24 3.10 -4.71
C CYS B 216 -0.14 4.60 -4.95
N THR B 217 -1.25 5.31 -4.78
CA THR B 217 -1.22 6.77 -4.82
C THR B 217 -1.11 7.29 -3.40
N GLY B 218 -0.67 8.54 -3.29
CA GLY B 218 -0.40 9.15 -2.00
C GLY B 218 -1.48 10.06 -1.48
N GLY B 219 -2.65 10.08 -2.10
CA GLY B 219 -3.69 11.01 -1.69
C GLY B 219 -3.42 12.43 -2.11
N SER B 220 -2.79 12.63 -3.28
CA SER B 220 -2.38 13.95 -3.71
C SER B 220 -3.55 14.70 -4.33
N PRO B 221 -3.55 16.04 -4.20
CA PRO B 221 -4.67 16.82 -4.76
C PRO B 221 -4.59 17.06 -6.25
N SER B 222 -3.50 16.68 -6.93
CA SER B 222 -3.36 16.97 -8.35
C SER B 222 -3.32 15.68 -9.15
N ILE B 223 -4.00 15.71 -10.30
CA ILE B 223 -3.94 14.60 -11.24
C ILE B 223 -2.51 14.36 -11.70
N LYS B 224 -1.72 15.43 -11.82
CA LYS B 224 -0.34 15.29 -12.29
C LYS B 224 0.49 14.44 -11.35
N GLU B 225 0.38 14.69 -10.05
CA GLU B 225 1.11 13.86 -9.10
C GLU B 225 0.55 12.44 -9.05
N ASN B 226 -0.75 12.28 -9.24
CA ASN B 226 -1.32 10.94 -9.33
C ASN B 226 -0.78 10.20 -10.56
N ILE B 227 -0.62 10.92 -11.67
CA ILE B 227 0.01 10.32 -12.85
C ILE B 227 1.44 9.89 -12.51
N GLY B 228 2.17 10.75 -11.80
CA GLY B 228 3.52 10.38 -11.38
C GLY B 228 3.54 9.17 -10.46
N SER B 229 2.58 9.08 -9.55
CA SER B 229 2.50 7.91 -8.68
C SER B 229 2.27 6.64 -9.49
N VAL B 230 1.43 6.72 -10.52
CA VAL B 230 1.05 5.54 -11.27
C VAL B 230 2.17 5.12 -12.21
N PHE B 231 2.74 6.06 -12.96
CA PHE B 231 3.67 5.73 -14.04
C PHE B 231 5.10 6.19 -13.80
N GLY B 232 5.37 6.95 -12.76
CA GLY B 232 6.72 7.44 -12.54
C GLY B 232 6.91 8.84 -13.08
N GLN B 233 7.98 9.49 -12.60
CA GLN B 233 8.26 10.86 -13.00
C GLN B 233 8.71 10.95 -14.46
N LYS B 234 9.28 9.88 -15.01
CA LYS B 234 9.71 9.93 -16.40
C LYS B 234 8.53 10.18 -17.33
N GLN B 235 7.37 9.59 -17.03
CA GLN B 235 6.20 9.81 -17.87
C GLN B 235 5.79 11.27 -17.87
N LEU B 236 5.92 11.94 -16.72
CA LEU B 236 5.53 13.35 -16.61
C LEU B 236 6.40 14.24 -17.47
N GLN B 237 7.68 13.87 -17.65
CA GLN B 237 8.62 14.74 -18.36
C GLN B 237 8.27 14.89 -19.83
N SER B 238 7.42 14.03 -20.38
CA SER B 238 7.03 14.10 -21.79
C SER B 238 5.61 14.60 -21.99
N LEU B 239 4.99 15.15 -20.95
CA LEU B 239 3.59 15.56 -21.01
C LEU B 239 3.49 17.08 -21.00
N ILE B 240 2.44 17.58 -21.63
CA ILE B 240 2.07 19.00 -21.54
C ILE B 240 0.65 19.09 -21.03
N PRO B 241 0.31 20.11 -20.25
CA PRO B 241 -1.07 20.26 -19.79
C PRO B 241 -1.99 20.69 -20.92
N PHE B 242 -3.23 20.24 -20.86
CA PHE B 242 -4.23 20.70 -21.81
C PHE B 242 -4.53 22.17 -21.56
N VAL B 243 -4.56 22.95 -22.63
CA VAL B 243 -4.84 24.38 -22.57
C VAL B 243 -6.06 24.63 -23.46
N GLN B 244 -7.17 25.00 -22.84
CA GLN B 244 -8.41 25.15 -23.60
C GLN B 244 -8.45 26.50 -24.31
N LEU B 245 -8.93 26.47 -25.55
CA LEU B 245 -9.07 27.63 -26.41
C LEU B 245 -10.51 27.70 -26.91
N PRO B 246 -11.00 28.89 -27.22
CA PRO B 246 -12.25 28.98 -27.95
C PRO B 246 -12.10 28.33 -29.31
N PRO B 247 -13.17 27.75 -29.85
CA PRO B 247 -13.06 27.07 -31.15
C PRO B 247 -12.86 28.09 -32.26
N SER B 248 -11.87 27.83 -33.12
CA SER B 248 -11.57 28.78 -34.18
C SER B 248 -12.66 28.75 -35.25
N ASP B 249 -12.60 29.74 -36.14
CA ASP B 249 -13.61 29.86 -37.19
C ASP B 249 -13.51 28.71 -38.19
N SER B 250 -12.28 28.35 -38.58
CA SER B 250 -12.10 27.28 -39.56
C SER B 250 -12.60 25.95 -39.00
N VAL B 251 -12.26 25.66 -37.75
CA VAL B 251 -12.72 24.43 -37.13
C VAL B 251 -14.24 24.47 -36.94
N CYS B 252 -14.78 25.64 -36.59
CA CYS B 252 -16.23 25.80 -36.53
C CYS B 252 -16.85 25.58 -37.90
N GLU B 253 -16.27 26.20 -38.93
CA GLU B 253 -16.75 25.97 -40.30
C GLU B 253 -16.58 24.51 -40.70
N GLU B 254 -15.57 23.84 -40.15
CA GLU B 254 -15.37 22.42 -40.45
C GLU B 254 -16.47 21.57 -39.84
N TYR B 255 -16.93 21.92 -38.64
CA TYR B 255 -18.01 21.19 -37.99
C TYR B 255 -19.39 21.81 -38.22
N GLY B 256 -19.49 22.85 -39.04
CA GLY B 256 -20.78 23.46 -39.30
C GLY B 256 -21.40 24.09 -38.07
N LEU B 257 -20.65 24.97 -37.41
CA LEU B 257 -21.09 25.63 -36.19
C LEU B 257 -21.23 27.11 -36.45
N SER B 258 -22.36 27.69 -36.04
CA SER B 258 -22.55 29.12 -36.17
C SER B 258 -21.91 29.84 -34.99
N CYS B 259 -21.87 31.17 -35.09
CA CYS B 259 -21.39 31.98 -33.98
C CYS B 259 -22.26 31.77 -32.74
N SER B 260 -23.57 31.59 -32.94
CA SER B 260 -24.46 31.34 -31.81
C SER B 260 -24.22 29.96 -31.21
N ASP B 261 -23.82 28.99 -32.03
CA ASP B 261 -23.60 27.63 -31.52
C ASP B 261 -22.44 27.59 -30.53
N ALA B 262 -21.38 28.34 -30.80
CA ALA B 262 -20.20 28.33 -29.94
C ALA B 262 -20.28 29.32 -28.80
N LEU B 263 -21.26 30.24 -28.81
CA LEU B 263 -21.29 31.25 -27.77
C LEU B 263 -21.70 30.67 -26.42
N HIS B 264 -22.57 29.67 -26.42
CA HIS B 264 -23.03 29.05 -25.18
C HIS B 264 -22.15 27.86 -24.76
N ASN B 265 -20.83 27.99 -24.91
CA ASN B 265 -19.92 26.89 -24.63
C ASN B 265 -19.87 26.59 -23.14
N LEU B 266 -20.20 25.35 -22.76
CA LEU B 266 -20.19 24.93 -21.37
C LEU B 266 -19.27 23.73 -21.13
N PHE B 267 -18.38 23.44 -22.06
CA PHE B 267 -17.40 22.37 -21.88
C PHE B 267 -16.14 22.92 -21.22
N TYR B 268 -15.67 22.23 -20.19
CA TYR B 268 -14.41 22.56 -19.53
C TYR B 268 -13.52 21.33 -19.60
N ILE B 269 -12.40 21.46 -20.32
CA ILE B 269 -11.49 20.35 -20.60
C ILE B 269 -10.20 20.57 -19.84
N SER B 270 -9.70 19.51 -19.22
CA SER B 270 -8.44 19.58 -18.51
C SER B 270 -7.76 18.23 -18.57
N GLY B 271 -6.46 18.24 -18.27
CA GLY B 271 -5.68 17.02 -18.27
C GLY B 271 -4.32 17.20 -18.89
N PHE B 272 -3.76 16.11 -19.42
CA PHE B 272 -2.41 16.10 -19.92
C PHE B 272 -2.34 15.24 -21.18
N ILE B 273 -1.37 15.54 -22.04
CA ILE B 273 -1.16 14.80 -23.27
C ILE B 273 0.32 14.80 -23.59
N SER B 274 0.77 13.78 -24.32
CA SER B 274 2.15 13.74 -24.77
C SER B 274 2.45 14.94 -25.65
N GLN B 275 3.69 15.42 -25.56
CA GLN B 275 4.16 16.39 -26.53
C GLN B 275 4.28 15.72 -27.89
N CYS B 276 4.07 16.50 -28.96
CA CYS B 276 4.07 15.95 -30.30
C CYS B 276 5.46 15.82 -30.91
N THR B 277 6.52 15.98 -30.11
CA THR B 277 7.88 15.87 -30.63
C THR B 277 8.11 14.48 -31.21
N HIS B 278 8.93 14.42 -32.25
CA HIS B 278 9.20 13.16 -32.93
C HIS B 278 9.94 12.22 -31.98
N GLY B 279 9.34 11.07 -31.71
CA GLY B 279 9.95 10.05 -30.87
C GLY B 279 9.44 9.98 -29.45
N VAL B 280 8.89 11.07 -28.91
CA VAL B 280 8.55 11.08 -27.48
C VAL B 280 7.19 10.46 -27.18
N GLY B 281 6.45 10.04 -28.20
CA GLY B 281 5.16 9.40 -28.00
C GLY B 281 5.28 7.94 -27.61
N ARG B 282 4.19 7.20 -27.81
CA ARG B 282 4.12 5.80 -27.45
C ARG B 282 3.80 4.95 -28.67
N SER B 283 4.01 3.64 -28.52
CA SER B 283 3.80 2.72 -29.62
C SER B 283 2.34 2.33 -29.81
N SER B 284 1.51 2.47 -28.77
CA SER B 284 0.11 2.12 -28.87
C SER B 284 -0.69 3.01 -27.91
N THR B 285 -1.99 2.81 -27.90
CA THR B 285 -2.92 3.55 -27.03
C THR B 285 -3.10 2.87 -25.69
N ASP B 286 -2.03 2.33 -25.12
CA ASP B 286 -2.10 1.60 -23.85
C ASP B 286 -2.24 2.53 -22.65
N ARG B 287 -2.05 3.83 -22.82
CA ARG B 287 -2.15 4.79 -21.71
C ARG B 287 -2.97 6.01 -22.16
N GLN B 288 -4.24 5.75 -22.47
CA GLN B 288 -5.16 6.81 -22.85
C GLN B 288 -6.38 6.73 -21.94
N PHE B 289 -6.59 7.77 -21.14
CA PHE B 289 -7.62 7.78 -20.12
C PHE B 289 -8.53 8.98 -20.34
N PHE B 290 -9.79 8.71 -20.64
CA PHE B 290 -10.78 9.74 -20.87
C PHE B 290 -11.82 9.68 -19.77
N PHE B 291 -12.27 10.86 -19.34
CA PHE B 291 -13.25 10.97 -18.26
C PHE B 291 -14.27 12.03 -18.64
N ILE B 292 -15.53 11.77 -18.32
CA ILE B 292 -16.59 12.75 -18.43
C ILE B 292 -17.12 12.99 -17.03
N ASN B 293 -16.97 14.22 -16.55
CA ASN B 293 -17.32 14.57 -15.17
C ASN B 293 -16.68 13.59 -14.17
N ARG B 294 -15.38 13.35 -14.36
CA ARG B 294 -14.51 12.54 -13.51
C ARG B 294 -14.79 11.05 -13.58
N ARG B 295 -15.69 10.59 -14.44
CA ARG B 295 -15.96 9.16 -14.47
C ARG B 295 -15.29 8.53 -15.68
N PRO B 296 -14.53 7.45 -15.52
CA PRO B 296 -13.82 6.86 -16.67
C PRO B 296 -14.79 6.31 -17.69
N CYS B 297 -14.50 6.58 -18.96
CA CYS B 297 -15.37 6.17 -20.05
C CYS B 297 -14.53 6.07 -21.32
N ASP B 298 -15.19 5.65 -22.40
CA ASP B 298 -14.54 5.47 -23.70
C ASP B 298 -15.36 6.20 -24.75
N PRO B 299 -15.13 7.50 -24.93
CA PRO B 299 -15.82 8.26 -25.98
C PRO B 299 -15.15 8.05 -27.34
N ALA B 300 -15.87 7.41 -28.27
CA ALA B 300 -15.28 7.03 -29.54
C ALA B 300 -14.84 8.25 -30.34
N LYS B 301 -15.77 9.18 -30.59
CA LYS B 301 -15.46 10.31 -31.45
C LYS B 301 -14.40 11.22 -30.84
N VAL B 302 -14.47 11.45 -29.52
CA VAL B 302 -13.46 12.27 -28.86
C VAL B 302 -12.10 11.59 -28.91
N CYS B 303 -12.03 10.31 -28.55
CA CYS B 303 -10.78 9.58 -28.63
C CYS B 303 -10.25 9.54 -30.04
N ARG B 304 -11.15 9.33 -31.01
CA ARG B 304 -10.77 9.34 -32.42
C ARG B 304 -10.13 10.66 -32.81
N LEU B 305 -10.72 11.77 -32.37
CA LEU B 305 -10.21 13.09 -32.75
C LEU B 305 -8.85 13.36 -32.13
N VAL B 306 -8.67 13.00 -30.86
CA VAL B 306 -7.41 13.26 -30.18
C VAL B 306 -6.26 12.54 -30.88
N ASN B 307 -6.46 11.28 -31.26
CA ASN B 307 -5.42 10.55 -31.99
C ASN B 307 -5.20 11.15 -33.37
N GLU B 308 -6.27 11.63 -34.01
CA GLU B 308 -6.13 12.22 -35.34
C GLU B 308 -5.30 13.50 -35.29
N VAL B 309 -5.59 14.37 -34.33
CA VAL B 309 -4.85 15.63 -34.25
C VAL B 309 -3.39 15.36 -33.91
N TYR B 310 -3.13 14.39 -33.03
CA TYR B 310 -1.75 14.07 -32.67
C TYR B 310 -0.98 13.53 -33.86
N HIS B 311 -1.60 12.68 -34.68
CA HIS B 311 -0.91 12.13 -35.84
C HIS B 311 -0.60 13.18 -36.89
N MET B 312 -1.29 14.32 -36.87
CA MET B 312 -0.94 15.42 -37.75
C MET B 312 0.46 15.96 -37.48
N TYR B 313 1.01 15.71 -36.29
CA TYR B 313 2.34 16.15 -35.93
C TYR B 313 3.33 15.02 -35.69
N ASN B 314 2.85 13.80 -35.39
CA ASN B 314 3.70 12.64 -35.11
C ASN B 314 2.92 11.41 -35.58
N ARG B 315 3.03 11.12 -36.88
CA ARG B 315 2.19 10.09 -37.49
C ARG B 315 2.54 8.68 -37.02
N HIS B 316 3.74 8.47 -36.50
CA HIS B 316 4.21 7.12 -36.18
C HIS B 316 4.06 6.76 -34.71
N GLN B 317 3.55 7.66 -33.88
CA GLN B 317 3.39 7.38 -32.46
C GLN B 317 1.98 7.76 -32.01
N TYR B 318 1.62 7.23 -30.84
CA TYR B 318 0.37 7.50 -30.16
C TYR B 318 0.66 8.22 -28.85
N PRO B 319 -0.21 9.15 -28.43
CA PRO B 319 0.06 9.94 -27.23
C PRO B 319 -0.42 9.28 -25.96
N PHE B 320 0.25 9.65 -24.87
CA PHE B 320 -0.33 9.50 -23.55
C PHE B 320 -1.47 10.49 -23.39
N VAL B 321 -2.59 10.05 -22.84
CA VAL B 321 -3.78 10.89 -22.74
C VAL B 321 -4.39 10.72 -21.36
N VAL B 322 -4.54 11.83 -20.65
CA VAL B 322 -5.49 11.95 -19.54
C VAL B 322 -6.33 13.19 -19.82
N LEU B 323 -7.62 12.99 -20.03
CA LEU B 323 -8.50 14.07 -20.45
C LEU B 323 -9.81 13.94 -19.70
N ASN B 324 -10.15 14.95 -18.90
CA ASN B 324 -11.44 15.04 -18.24
C ASN B 324 -12.29 16.10 -18.94
N ILE B 325 -13.53 15.73 -19.27
CA ILE B 325 -14.47 16.61 -19.93
C ILE B 325 -15.58 16.91 -18.93
N SER B 326 -15.63 18.15 -18.46
CA SER B 326 -16.63 18.58 -17.50
C SER B 326 -17.72 19.35 -18.22
N VAL B 327 -18.98 18.99 -17.99
CA VAL B 327 -20.08 19.58 -18.73
C VAL B 327 -21.37 19.45 -17.93
N ASP B 328 -22.31 20.36 -18.19
CA ASP B 328 -23.61 20.39 -17.54
C ASP B 328 -24.46 19.17 -17.88
N SER B 329 -25.31 18.79 -16.92
CA SER B 329 -26.17 17.61 -17.05
C SER B 329 -27.12 17.70 -18.25
N GLU B 330 -27.40 18.91 -18.75
CA GLU B 330 -28.26 19.04 -19.92
C GLU B 330 -27.65 18.41 -21.16
N CYS B 331 -26.32 18.28 -21.22
CA CYS B 331 -25.62 17.77 -22.39
C CYS B 331 -25.28 16.28 -22.28
N VAL B 332 -25.91 15.56 -21.36
CA VAL B 332 -25.53 14.18 -21.06
C VAL B 332 -26.73 13.25 -21.27
N ASP B 333 -26.47 12.11 -21.89
CA ASP B 333 -27.49 11.09 -22.11
C ASP B 333 -27.00 9.73 -21.62
N GLU B 347 -24.46 18.10 -27.92
CA GLU B 347 -23.64 19.15 -28.50
C GLU B 347 -22.21 18.68 -28.66
N GLU B 348 -22.05 17.42 -29.04
CA GLU B 348 -20.72 16.85 -29.22
C GLU B 348 -19.90 17.60 -30.27
N LYS B 349 -20.55 18.15 -31.29
CA LYS B 349 -19.82 18.87 -32.33
C LYS B 349 -19.05 20.05 -31.75
N LEU B 350 -19.68 20.81 -30.84
CA LEU B 350 -19.00 21.94 -30.22
C LEU B 350 -17.81 21.46 -29.39
N LEU B 351 -17.97 20.35 -28.67
CA LEU B 351 -16.87 19.80 -27.89
C LEU B 351 -15.68 19.45 -28.79
N LEU B 352 -15.95 18.73 -29.89
CA LEU B 352 -14.87 18.36 -30.80
C LEU B 352 -14.19 19.59 -31.39
N ALA B 353 -14.95 20.67 -31.59
CA ALA B 353 -14.36 21.90 -32.12
C ALA B 353 -13.40 22.52 -31.12
N VAL B 354 -13.80 22.60 -29.84
CA VAL B 354 -12.90 23.10 -28.81
C VAL B 354 -11.65 22.25 -28.72
N LEU B 355 -11.81 20.92 -28.77
CA LEU B 355 -10.67 20.02 -28.62
C LEU B 355 -9.63 20.24 -29.71
N LYS B 356 -10.05 20.16 -30.97
CA LYS B 356 -9.11 20.29 -32.08
C LYS B 356 -8.40 21.63 -32.05
N THR B 357 -9.16 22.71 -31.84
CA THR B 357 -8.56 24.04 -31.79
C THR B 357 -7.54 24.13 -30.67
N SER B 358 -7.88 23.62 -29.48
CA SER B 358 -6.98 23.70 -28.35
C SER B 358 -5.71 22.88 -28.59
N LEU B 359 -5.86 21.66 -29.11
CA LEU B 359 -4.71 20.81 -29.38
C LEU B 359 -3.79 21.42 -30.43
N ILE B 360 -4.38 22.03 -31.47
CA ILE B 360 -3.56 22.68 -32.50
C ILE B 360 -2.73 23.80 -31.89
N GLY B 361 -3.33 24.58 -31.00
CA GLY B 361 -2.58 25.62 -30.33
C GLY B 361 -1.48 25.08 -29.46
N MET B 362 -1.70 23.89 -28.88
CA MET B 362 -0.69 23.29 -28.01
C MET B 362 0.47 22.73 -28.82
N PHE B 363 0.20 22.14 -29.98
CA PHE B 363 1.21 21.42 -30.74
C PHE B 363 1.98 22.30 -31.72
N ASP B 364 1.48 23.49 -32.03
CA ASP B 364 2.18 24.39 -32.96
C ASP B 364 3.35 25.09 -32.27
#